data_5FFE
#
_entry.id   5FFE
#
_cell.length_a   53.984
_cell.length_b   67.035
_cell.length_c   85.614
_cell.angle_alpha   90.000
_cell.angle_beta   90.000
_cell.angle_gamma   90.000
#
_symmetry.space_group_name_H-M   'P 21 21 21'
#
loop_
_entity.id
_entity.type
_entity.pdbx_description
1 polymer CopM
2 non-polymer 'SILVER ION'
3 water water
#
_entity_poly.entity_id   1
_entity_poly.type   'polypeptide(L)'
_entity_poly.pdbx_seq_one_letter_code
;GSRNQSPPQMMAQQGMHMQWTDQSFIEMMTPHHQDAIDMAEMALQKAEHPELKKLARNIIRDQEREIKEMKTWYQQWFKR
PVPALSSQGMMGMHQGHGMMAMDLDALATAQNFDREFIRQMIPHHQMAVMMASNLKTNTERPEMDKLMDDIIRSQSAEIK
QMKQWYQNWYGQ
;
_entity_poly.pdbx_strand_id   A,B
#
loop_
_chem_comp.id
_chem_comp.type
_chem_comp.name
_chem_comp.formula
AG non-polymer 'SILVER ION' 'Ag 1'
#
# COMPACT_ATOMS: atom_id res chain seq x y z
N GLN A 19 17.39 -16.19 -15.13
CA GLN A 19 16.56 -15.25 -15.85
C GLN A 19 15.16 -15.11 -15.24
N TRP A 20 14.69 -13.87 -15.09
CA TRP A 20 13.42 -13.59 -14.46
C TRP A 20 12.22 -13.86 -15.37
N THR A 21 11.14 -14.36 -14.79
CA THR A 21 9.85 -14.38 -15.46
C THR A 21 9.03 -13.23 -14.89
N ASP A 22 7.92 -12.90 -15.54
CA ASP A 22 7.06 -11.81 -15.05
C ASP A 22 6.61 -12.09 -13.63
N GLN A 23 6.34 -13.36 -13.35
CA GLN A 23 5.81 -13.78 -12.06
C GLN A 23 6.84 -13.60 -10.96
N SER A 24 8.02 -14.17 -11.16
CA SER A 24 9.09 -14.07 -10.19
C SER A 24 9.58 -12.63 -10.02
N PHE A 25 9.57 -11.86 -11.11
CA PHE A 25 10.01 -10.46 -11.03
C PHE A 25 9.14 -9.68 -10.06
N ILE A 26 7.83 -9.79 -10.22
CA ILE A 26 6.90 -9.08 -9.36
C ILE A 26 7.05 -9.54 -7.93
N GLU A 27 7.28 -10.83 -7.73
CA GLU A 27 7.45 -11.37 -6.39
C GLU A 27 8.66 -10.79 -5.66
N MET A 28 9.74 -10.50 -6.38
CA MET A 28 10.93 -9.94 -5.75
C MET A 28 10.99 -8.41 -5.77
N MET A 29 10.47 -7.81 -6.84
CA MET A 29 10.54 -6.37 -6.99
C MET A 29 9.62 -5.63 -6.04
N THR A 30 8.50 -6.26 -5.69
CA THR A 30 7.53 -5.62 -4.79
C THR A 30 8.10 -5.35 -3.39
N PRO A 31 8.63 -6.39 -2.71
CA PRO A 31 9.28 -6.06 -1.43
C PRO A 31 10.49 -5.16 -1.62
N HIS A 32 11.18 -5.28 -2.76
CA HIS A 32 12.35 -4.44 -3.03
C HIS A 32 11.93 -2.97 -3.13
N HIS A 33 10.88 -2.69 -3.91
CA HIS A 33 10.33 -1.35 -4.04
C HIS A 33 9.82 -0.82 -2.70
N GLN A 34 9.25 -1.71 -1.89
CA GLN A 34 8.69 -1.34 -0.60
C GLN A 34 9.79 -0.88 0.36
N ASP A 35 10.98 -1.45 0.23
CA ASP A 35 12.11 -1.02 1.05
C ASP A 35 12.57 0.39 0.70
N ALA A 36 12.63 0.70 -0.59
CA ALA A 36 12.97 2.04 -1.04
C ALA A 36 11.96 3.05 -0.54
N ILE A 37 10.69 2.65 -0.55
CA ILE A 37 9.63 3.54 -0.10
C ILE A 37 9.79 3.82 1.38
N ASP A 38 10.04 2.78 2.17
CA ASP A 38 10.20 2.95 3.61
C ASP A 38 11.42 3.82 3.95
N MET A 39 12.50 3.65 3.21
CA MET A 39 13.69 4.49 3.37
C MET A 39 13.36 5.94 3.05
N ALA A 40 12.64 6.14 1.95
CA ALA A 40 12.25 7.48 1.54
C ALA A 40 11.34 8.15 2.58
N GLU A 41 10.49 7.38 3.25
CA GLU A 41 9.59 7.90 4.28
C GLU A 41 10.38 8.51 5.42
N MET A 42 11.46 7.83 5.81
CA MET A 42 12.36 8.31 6.86
C MET A 42 12.96 9.63 6.44
N ALA A 43 13.43 9.72 5.19
CA ALA A 43 14.01 10.96 4.66
C ALA A 43 13.13 12.18 4.84
N LEU A 44 11.81 11.98 4.66
CA LEU A 44 10.84 13.06 4.85
C LEU A 44 10.96 13.69 6.24
N GLN A 45 11.35 12.88 7.23
CA GLN A 45 11.49 13.38 8.59
C GLN A 45 12.95 13.69 8.90
N LYS A 46 13.86 12.85 8.40
CA LYS A 46 15.24 12.84 8.89
C LYS A 46 16.29 13.48 7.98
N ALA A 47 15.93 13.76 6.72
CA ALA A 47 16.91 14.34 5.81
C ALA A 47 17.05 15.85 6.00
N GLU A 48 18.28 16.34 5.92
CA GLU A 48 18.52 17.77 6.08
C GLU A 48 18.54 18.51 4.74
N HIS A 49 19.09 17.89 3.70
CA HIS A 49 19.09 18.50 2.37
C HIS A 49 17.72 18.44 1.70
N PRO A 50 17.24 19.58 1.18
CA PRO A 50 15.96 19.63 0.48
C PRO A 50 15.97 18.89 -0.86
N GLU A 51 17.16 18.67 -1.41
CA GLU A 51 17.31 17.85 -2.61
C GLU A 51 16.84 16.42 -2.32
N LEU A 52 17.17 15.96 -1.12
CA LEU A 52 16.86 14.60 -0.71
C LEU A 52 15.39 14.42 -0.39
N LYS A 53 14.77 15.43 0.23
CA LYS A 53 13.33 15.37 0.51
C LYS A 53 12.56 15.34 -0.79
N LYS A 54 13.03 16.10 -1.78
CA LYS A 54 12.41 16.08 -3.10
C LYS A 54 12.55 14.72 -3.74
N LEU A 55 13.76 14.18 -3.74
CA LEU A 55 14.01 12.85 -4.28
C LEU A 55 13.13 11.81 -3.57
N ALA A 56 12.99 11.96 -2.26
CA ALA A 56 12.24 11.00 -1.47
C ALA A 56 10.77 10.99 -1.87
N ARG A 57 10.21 12.17 -2.11
CA ARG A 57 8.79 12.27 -2.48
C ARG A 57 8.56 11.65 -3.84
N ASN A 58 9.50 11.88 -4.76
CA ASN A 58 9.49 11.23 -6.06
C ASN A 58 9.54 9.70 -5.98
N ILE A 59 10.49 9.17 -5.21
CA ILE A 59 10.61 7.73 -5.03
C ILE A 59 9.31 7.15 -4.48
N ILE A 60 8.74 7.83 -3.49
CA ILE A 60 7.50 7.38 -2.86
C ILE A 60 6.37 7.35 -3.86
N ARG A 61 6.22 8.42 -4.62
CA ARG A 61 5.14 8.51 -5.60
C ARG A 61 5.30 7.44 -6.69
N ASP A 62 6.44 7.47 -7.38
CA ASP A 62 6.70 6.54 -8.49
C ASP A 62 6.67 5.08 -8.08
N GLN A 63 7.35 4.73 -7.00
CA GLN A 63 7.45 3.32 -6.62
C GLN A 63 6.19 2.72 -5.96
N GLU A 64 5.39 3.53 -5.27
CA GLU A 64 4.08 3.08 -4.79
C GLU A 64 3.13 2.81 -5.96
N ARG A 65 3.17 3.67 -6.97
CA ARG A 65 2.39 3.46 -8.18
C ARG A 65 2.74 2.12 -8.84
N GLU A 66 4.04 1.84 -8.96
CA GLU A 66 4.52 0.60 -9.57
C GLU A 66 4.16 -0.67 -8.79
N ILE A 67 4.16 -0.57 -7.47
CA ILE A 67 3.70 -1.67 -6.64
C ILE A 67 2.22 -1.95 -6.92
N LYS A 68 1.42 -0.89 -7.02
CA LYS A 68 0.00 -1.04 -7.27
C LYS A 68 -0.27 -1.70 -8.64
N GLU A 69 0.41 -1.21 -9.67
CA GLU A 69 0.32 -1.80 -11.00
C GLU A 69 0.73 -3.28 -11.02
N MET A 70 1.86 -3.59 -10.39
CA MET A 70 2.36 -4.96 -10.36
C MET A 70 1.41 -5.87 -9.60
N LYS A 71 0.87 -5.36 -8.49
CA LYS A 71 -0.09 -6.10 -7.69
C LYS A 71 -1.31 -6.43 -8.53
N THR A 72 -1.84 -5.41 -9.21
CA THR A 72 -3.02 -5.58 -10.04
C THR A 72 -2.81 -6.58 -11.17
N TRP A 73 -1.70 -6.43 -11.89
CA TRP A 73 -1.39 -7.31 -13.02
C TRP A 73 -1.19 -8.75 -12.55
N TYR A 74 -0.50 -8.90 -11.42
CA TYR A 74 -0.20 -10.23 -10.90
C TYR A 74 -1.47 -11.05 -10.71
N GLN A 75 -2.49 -10.45 -10.12
CA GLN A 75 -3.76 -11.13 -9.87
C GLN A 75 -4.50 -11.45 -11.18
N GLN A 76 -4.50 -10.51 -12.13
CA GLN A 76 -5.13 -10.76 -13.42
C GLN A 76 -4.47 -11.93 -14.15
N TRP A 77 -3.14 -11.99 -14.11
CA TRP A 77 -2.38 -12.97 -14.90
C TRP A 77 -2.29 -14.33 -14.22
N PHE A 78 -2.19 -14.33 -12.90
CA PHE A 78 -1.87 -15.54 -12.17
C PHE A 78 -2.97 -15.96 -11.19
N LYS A 79 -4.06 -15.21 -11.21
CA LYS A 79 -5.29 -15.58 -10.50
C LYS A 79 -5.09 -15.81 -9.00
N ARG A 80 -4.10 -15.13 -8.43
CA ARG A 80 -3.89 -15.14 -6.99
C ARG A 80 -3.08 -13.91 -6.64
N PRO A 81 -3.16 -13.46 -5.37
CA PRO A 81 -2.40 -12.26 -4.97
C PRO A 81 -0.89 -12.50 -4.94
N VAL A 82 -0.12 -11.42 -4.77
CA VAL A 82 1.32 -11.52 -4.72
C VAL A 82 1.74 -12.19 -3.42
N PRO A 83 2.39 -13.36 -3.53
CA PRO A 83 2.83 -14.15 -2.38
C PRO A 83 3.76 -13.35 -1.48
N ALA A 84 3.42 -13.28 -0.20
CA ALA A 84 4.12 -12.46 0.78
C ALA A 84 5.55 -12.91 1.07
N LEU A 85 6.02 -13.91 0.33
CA LEU A 85 7.37 -14.47 0.51
C LEU A 85 7.59 -15.00 1.93
N LEU A 104 18.23 -0.59 8.45
CA LEU A 104 17.90 -0.56 9.86
C LEU A 104 18.81 0.41 10.63
N ASP A 105 19.67 -0.13 11.48
CA ASP A 105 20.47 0.65 12.42
C ASP A 105 21.32 1.75 11.78
N ALA A 106 21.96 1.43 10.66
CA ALA A 106 22.80 2.39 9.97
C ALA A 106 21.97 3.56 9.49
N LEU A 107 20.70 3.29 9.23
CA LEU A 107 19.79 4.31 8.72
C LEU A 107 18.95 4.88 9.86
N ALA A 108 18.69 4.07 10.87
CA ALA A 108 17.82 4.47 11.96
C ALA A 108 18.51 5.43 12.92
N THR A 109 19.46 4.91 13.69
CA THR A 109 20.11 5.69 14.74
C THR A 109 21.02 6.79 14.20
N ALA A 110 21.33 6.70 12.90
CA ALA A 110 22.27 7.60 12.22
C ALA A 110 22.24 9.08 12.65
N GLN A 111 23.43 9.67 12.77
CA GLN A 111 23.55 11.11 12.98
C GLN A 111 23.75 11.78 11.63
N ASN A 112 24.32 11.06 10.68
CA ASN A 112 24.51 11.57 9.33
C ASN A 112 23.58 10.86 8.36
N PHE A 113 22.28 11.15 8.47
CA PHE A 113 21.28 10.46 7.70
C PHE A 113 21.49 10.60 6.20
N ASP A 114 21.66 11.84 5.74
CA ASP A 114 21.77 12.13 4.31
C ASP A 114 22.88 11.34 3.65
N ARG A 115 23.99 11.17 4.36
CA ARG A 115 25.15 10.46 3.83
C ARG A 115 24.84 8.98 3.68
N GLU A 116 24.33 8.37 4.75
N GLU A 116 24.32 8.36 4.73
CA GLU A 116 24.05 6.94 4.76
CA GLU A 116 24.07 6.94 4.75
C GLU A 116 22.88 6.58 3.86
C GLU A 116 22.87 6.55 3.89
N PHE A 117 21.92 7.48 3.75
CA PHE A 117 20.77 7.27 2.88
C PHE A 117 21.24 7.04 1.45
N ILE A 118 22.14 7.89 0.98
CA ILE A 118 22.65 7.77 -0.37
C ILE A 118 23.50 6.52 -0.54
N ARG A 119 24.35 6.23 0.46
CA ARG A 119 25.16 5.01 0.44
C ARG A 119 24.30 3.76 0.27
N GLN A 120 23.11 3.77 0.86
CA GLN A 120 22.21 2.62 0.74
C GLN A 120 21.39 2.66 -0.54
N MET A 121 20.81 3.81 -0.86
CA MET A 121 19.90 3.94 -1.99
C MET A 121 20.55 3.77 -3.37
N ILE A 122 21.84 4.07 -3.49
CA ILE A 122 22.51 3.87 -4.78
C ILE A 122 22.59 2.40 -5.21
N PRO A 123 23.18 1.51 -4.37
CA PRO A 123 23.19 0.12 -4.82
C PRO A 123 21.79 -0.49 -4.85
N HIS A 124 20.89 0.02 -4.01
CA HIS A 124 19.51 -0.43 -4.04
C HIS A 124 18.90 -0.15 -5.42
N HIS A 125 19.07 1.07 -5.90
CA HIS A 125 18.54 1.45 -7.21
C HIS A 125 19.21 0.66 -8.34
N GLN A 126 20.51 0.41 -8.20
CA GLN A 126 21.27 -0.34 -9.19
C GLN A 126 20.73 -1.76 -9.31
N MET A 127 20.28 -2.32 -8.19
CA MET A 127 19.71 -3.66 -8.17
C MET A 127 18.39 -3.70 -8.93
N ALA A 128 17.58 -2.67 -8.77
CA ALA A 128 16.30 -2.58 -9.45
C ALA A 128 16.48 -2.47 -10.96
N VAL A 129 17.41 -1.60 -11.38
CA VAL A 129 17.69 -1.40 -12.80
C VAL A 129 18.20 -2.69 -13.42
N MET A 130 19.01 -3.42 -12.66
CA MET A 130 19.55 -4.72 -13.09
C MET A 130 18.46 -5.75 -13.32
N MET A 131 17.54 -5.87 -12.36
CA MET A 131 16.43 -6.81 -12.46
C MET A 131 15.49 -6.43 -13.60
N ALA A 132 15.26 -5.13 -13.75
CA ALA A 132 14.37 -4.63 -14.79
C ALA A 132 14.95 -4.87 -16.19
N SER A 133 16.25 -4.67 -16.32
N SER A 133 16.25 -4.68 -16.33
CA SER A 133 16.94 -4.90 -17.59
CA SER A 133 16.91 -4.91 -17.61
C SER A 133 16.86 -6.38 -17.98
C SER A 133 16.87 -6.39 -17.98
N ASN A 134 17.02 -7.25 -16.99
CA ASN A 134 16.97 -8.69 -17.19
C ASN A 134 15.61 -9.13 -17.72
N LEU A 135 14.55 -8.76 -16.99
CA LEU A 135 13.20 -9.12 -17.38
C LEU A 135 12.86 -8.57 -18.76
N LYS A 136 13.42 -7.41 -19.09
CA LYS A 136 13.05 -6.72 -20.33
C LYS A 136 13.39 -7.51 -21.58
N THR A 137 14.41 -8.37 -21.51
CA THR A 137 14.76 -9.21 -22.65
C THR A 137 14.08 -10.57 -22.61
N ASN A 138 13.32 -10.84 -21.56
CA ASN A 138 12.64 -12.12 -21.45
C ASN A 138 11.14 -11.98 -21.60
N THR A 139 10.60 -10.87 -21.13
CA THR A 139 9.15 -10.68 -21.09
C THR A 139 8.54 -10.58 -22.47
N GLU A 140 7.26 -10.92 -22.55
CA GLU A 140 6.49 -10.86 -23.78
C GLU A 140 5.33 -9.87 -23.60
N ARG A 141 5.21 -9.33 -22.39
CA ARG A 141 4.09 -8.45 -22.04
C ARG A 141 4.42 -6.96 -22.25
N PRO A 142 3.60 -6.26 -23.03
CA PRO A 142 3.85 -4.84 -23.32
C PRO A 142 3.77 -3.94 -22.09
N GLU A 143 2.96 -4.31 -21.10
CA GLU A 143 2.89 -3.52 -19.88
C GLU A 143 4.12 -3.73 -19.00
N MET A 144 4.67 -4.93 -19.01
CA MET A 144 5.91 -5.19 -18.28
C MET A 144 7.09 -4.51 -18.96
N ASP A 145 7.10 -4.53 -20.29
CA ASP A 145 8.12 -3.86 -21.08
C ASP A 145 8.20 -2.37 -20.74
N LYS A 146 7.04 -1.73 -20.64
CA LYS A 146 6.97 -0.30 -20.39
C LYS A 146 7.31 0.02 -18.93
N LEU A 147 6.85 -0.83 -18.01
CA LEU A 147 7.24 -0.67 -16.60
C LEU A 147 8.76 -0.78 -16.43
N MET A 148 9.39 -1.71 -17.15
CA MET A 148 10.84 -1.85 -17.09
C MET A 148 11.55 -0.58 -17.58
N ASP A 149 11.05 0.01 -18.66
CA ASP A 149 11.59 1.26 -19.18
C ASP A 149 11.52 2.40 -18.15
N ASP A 150 10.40 2.51 -17.45
CA ASP A 150 10.23 3.50 -16.39
C ASP A 150 11.22 3.30 -15.24
N ILE A 151 11.29 2.07 -14.73
CA ILE A 151 12.21 1.72 -13.65
C ILE A 151 13.65 2.04 -14.08
N ILE A 152 14.04 1.55 -15.25
CA ILE A 152 15.39 1.78 -15.75
C ILE A 152 15.72 3.25 -15.93
N ARG A 153 14.83 3.99 -16.61
CA ARG A 153 15.06 5.42 -16.85
C ARG A 153 15.03 6.26 -15.57
N SER A 154 14.01 6.06 -14.74
CA SER A 154 13.83 6.93 -13.58
C SER A 154 14.87 6.68 -12.49
N GLN A 155 15.17 5.41 -12.24
CA GLN A 155 16.09 5.08 -11.18
C GLN A 155 17.56 5.31 -11.57
N SER A 156 17.90 5.10 -12.84
CA SER A 156 19.25 5.44 -13.32
C SER A 156 19.51 6.93 -13.16
N ALA A 157 18.48 7.73 -13.43
CA ALA A 157 18.57 9.19 -13.31
C ALA A 157 18.77 9.62 -11.85
N GLU A 158 18.08 8.95 -10.94
CA GLU A 158 18.23 9.24 -9.52
C GLU A 158 19.58 8.78 -8.99
N ILE A 159 20.15 7.75 -9.60
CA ILE A 159 21.49 7.28 -9.27
C ILE A 159 22.53 8.34 -9.63
N LYS A 160 22.42 8.91 -10.83
CA LYS A 160 23.33 9.97 -11.27
C LYS A 160 23.30 11.17 -10.32
N GLN A 161 22.08 11.59 -9.96
CA GLN A 161 21.91 12.75 -9.11
C GLN A 161 22.46 12.49 -7.70
N MET A 162 22.23 11.28 -7.17
CA MET A 162 22.73 10.94 -5.84
C MET A 162 24.26 10.89 -5.80
N LYS A 163 24.88 10.40 -6.87
CA LYS A 163 26.35 10.34 -6.94
C LYS A 163 26.94 11.75 -6.96
N GLN A 164 26.33 12.62 -7.75
CA GLN A 164 26.75 14.00 -7.82
C GLN A 164 26.57 14.70 -6.46
N TRP A 165 25.46 14.45 -5.78
CA TRP A 165 25.22 15.03 -4.46
C TRP A 165 26.21 14.52 -3.43
N TYR A 166 26.54 13.23 -3.49
CA TYR A 166 27.50 12.65 -2.58
C TYR A 166 28.86 13.33 -2.76
N GLN A 167 29.19 13.65 -4.00
CA GLN A 167 30.44 14.32 -4.34
C GLN A 167 30.46 15.76 -3.82
N ASN A 168 29.37 16.48 -4.03
CA ASN A 168 29.27 17.87 -3.59
C ASN A 168 29.31 18.03 -2.07
N TRP A 169 28.71 17.07 -1.37
CA TRP A 169 28.50 17.21 0.07
C TRP A 169 29.58 16.54 0.90
N TYR A 170 30.15 15.47 0.38
CA TYR A 170 31.07 14.65 1.17
C TYR A 170 32.37 14.30 0.45
N GLY A 171 32.55 14.83 -0.75
CA GLY A 171 33.79 14.61 -1.50
C GLY A 171 34.98 15.25 -0.83
N MET B 18 -10.88 1.14 24.10
CA MET B 18 -12.30 1.48 24.03
C MET B 18 -12.50 2.95 23.68
N GLN B 19 -11.66 3.82 24.23
CA GLN B 19 -11.67 5.24 23.88
C GLN B 19 -10.45 5.63 23.06
N TRP B 20 -10.62 5.66 21.74
CA TRP B 20 -9.52 5.84 20.82
C TRP B 20 -8.94 7.25 20.79
N THR B 21 -7.62 7.32 20.64
CA THR B 21 -6.94 8.54 20.27
C THR B 21 -6.60 8.41 18.79
N ASP B 22 -6.25 9.51 18.15
CA ASP B 22 -5.84 9.50 16.74
C ASP B 22 -4.75 8.47 16.50
N GLN B 23 -3.73 8.51 17.35
N GLN B 23 -3.71 8.51 17.34
CA GLN B 23 -2.55 7.68 17.25
CA GLN B 23 -2.56 7.64 17.15
C GLN B 23 -2.90 6.19 17.23
C GLN B 23 -2.94 6.16 17.19
N SER B 24 -3.63 5.76 18.25
CA SER B 24 -4.01 4.36 18.39
C SER B 24 -5.02 3.97 17.32
N PHE B 25 -5.88 4.90 16.93
CA PHE B 25 -6.87 4.61 15.90
C PHE B 25 -6.18 4.22 14.61
N ILE B 26 -5.26 5.06 14.16
CA ILE B 26 -4.57 4.80 12.92
C ILE B 26 -3.83 3.46 12.97
N GLU B 27 -3.28 3.16 14.13
CA GLU B 27 -2.51 1.94 14.31
C GLU B 27 -3.38 0.68 14.19
N MET B 28 -4.65 0.80 14.53
CA MET B 28 -5.53 -0.36 14.46
C MET B 28 -6.38 -0.38 13.19
N MET B 29 -6.80 0.80 12.75
CA MET B 29 -7.66 0.88 11.56
C MET B 29 -6.90 0.54 10.28
N THR B 30 -5.59 0.79 10.28
CA THR B 30 -4.76 0.46 9.11
C THR B 30 -4.73 -1.05 8.78
N PRO B 31 -4.36 -1.91 9.74
CA PRO B 31 -4.44 -3.35 9.43
C PRO B 31 -5.88 -3.83 9.25
N HIS B 32 -6.84 -3.14 9.87
CA HIS B 32 -8.24 -3.47 9.69
C HIS B 32 -8.67 -3.22 8.25
N HIS B 33 -8.32 -2.05 7.73
CA HIS B 33 -8.62 -1.71 6.35
C HIS B 33 -7.92 -2.65 5.37
N GLN B 34 -6.68 -3.03 5.69
CA GLN B 34 -5.90 -3.88 4.82
C GLN B 34 -6.55 -5.25 4.64
N ASP B 35 -7.18 -5.75 5.70
CA ASP B 35 -7.91 -7.01 5.62
C ASP B 35 -9.11 -6.92 4.69
N ALA B 36 -9.86 -5.81 4.76
CA ALA B 36 -11.02 -5.62 3.90
C ALA B 36 -10.59 -5.60 2.43
N ILE B 37 -9.48 -4.91 2.18
CA ILE B 37 -8.93 -4.80 0.84
C ILE B 37 -8.54 -6.19 0.31
N ASP B 38 -7.88 -6.97 1.15
CA ASP B 38 -7.47 -8.33 0.77
C ASP B 38 -8.66 -9.24 0.45
N MET B 39 -9.78 -9.05 1.17
CA MET B 39 -10.99 -9.83 0.91
C MET B 39 -11.62 -9.37 -0.39
N ALA B 40 -11.62 -8.05 -0.60
CA ALA B 40 -12.18 -7.47 -1.81
C ALA B 40 -11.42 -7.95 -3.04
N GLU B 41 -10.10 -8.02 -2.94
CA GLU B 41 -9.25 -8.55 -4.00
C GLU B 41 -9.63 -9.98 -4.40
N MET B 42 -9.84 -10.83 -3.39
CA MET B 42 -10.23 -12.21 -3.66
CA MET B 42 -10.25 -12.22 -3.62
C MET B 42 -11.61 -12.28 -4.31
N ALA B 43 -12.44 -11.27 -4.04
CA ALA B 43 -13.76 -11.19 -4.67
C ALA B 43 -13.66 -10.90 -6.16
N LEU B 44 -12.64 -10.11 -6.54
CA LEU B 44 -12.42 -9.80 -7.95
C LEU B 44 -12.17 -11.05 -8.76
N GLN B 45 -11.70 -12.10 -8.07
CA GLN B 45 -11.43 -13.37 -8.71
C GLN B 45 -12.56 -14.37 -8.52
N LYS B 46 -13.18 -14.38 -7.35
CA LYS B 46 -14.08 -15.47 -7.01
C LYS B 46 -15.57 -15.14 -7.01
N ALA B 47 -15.91 -13.86 -6.90
CA ALA B 47 -17.32 -13.46 -6.83
C ALA B 47 -18.09 -13.83 -8.10
N GLU B 48 -19.29 -14.36 -7.94
CA GLU B 48 -20.13 -14.67 -9.08
C GLU B 48 -21.08 -13.51 -9.41
N HIS B 49 -21.47 -12.74 -8.39
CA HIS B 49 -22.34 -11.58 -8.61
C HIS B 49 -21.56 -10.32 -8.94
N PRO B 50 -21.94 -9.63 -10.02
CA PRO B 50 -21.33 -8.38 -10.45
C PRO B 50 -21.50 -7.28 -9.40
N GLU B 51 -22.54 -7.37 -8.58
CA GLU B 51 -22.74 -6.43 -7.48
C GLU B 51 -21.57 -6.46 -6.49
N LEU B 52 -21.10 -7.67 -6.18
CA LEU B 52 -20.03 -7.87 -5.22
C LEU B 52 -18.68 -7.44 -5.79
N LYS B 53 -18.43 -7.77 -7.06
CA LYS B 53 -17.23 -7.32 -7.74
C LYS B 53 -17.18 -5.80 -7.76
N LYS B 54 -18.33 -5.19 -8.02
CA LYS B 54 -18.43 -3.73 -8.06
C LYS B 54 -18.19 -3.15 -6.67
N LEU B 55 -18.76 -3.78 -5.65
CA LEU B 55 -18.52 -3.39 -4.26
C LEU B 55 -17.04 -3.59 -3.91
N ALA B 56 -16.48 -4.70 -4.39
CA ALA B 56 -15.09 -5.03 -4.10
C ALA B 56 -14.13 -3.97 -4.64
N ARG B 57 -14.45 -3.42 -5.82
CA ARG B 57 -13.61 -2.37 -6.41
C ARG B 57 -13.76 -1.08 -5.60
N ASN B 58 -14.95 -0.86 -5.06
CA ASN B 58 -15.18 0.30 -4.22
C ASN B 58 -14.44 0.22 -2.90
N ILE B 59 -14.47 -0.93 -2.25
CA ILE B 59 -13.73 -1.14 -1.01
C ILE B 59 -12.24 -0.86 -1.24
N ILE B 60 -11.67 -1.50 -2.26
CA ILE B 60 -10.25 -1.35 -2.58
C ILE B 60 -9.86 0.11 -2.82
N ARG B 61 -10.65 0.83 -3.62
CA ARG B 61 -10.32 2.21 -3.95
C ARG B 61 -10.39 3.13 -2.73
N ASP B 62 -11.51 3.11 -2.03
CA ASP B 62 -11.69 4.01 -0.89
C ASP B 62 -10.77 3.69 0.28
N GLN B 63 -10.62 2.41 0.59
CA GLN B 63 -9.86 2.02 1.77
C GLN B 63 -8.34 2.04 1.58
N GLU B 64 -7.87 1.79 0.35
CA GLU B 64 -6.46 2.00 0.04
C GLU B 64 -6.12 3.48 0.14
N ARG B 65 -7.05 4.34 -0.27
CA ARG B 65 -6.86 5.78 -0.18
C ARG B 65 -6.76 6.21 1.29
N GLU B 66 -7.66 5.70 2.11
CA GLU B 66 -7.71 6.03 3.52
C GLU B 66 -6.47 5.53 4.29
N ILE B 67 -5.95 4.37 3.91
CA ILE B 67 -4.69 3.88 4.46
C ILE B 67 -3.54 4.85 4.13
N LYS B 68 -3.51 5.31 2.88
CA LYS B 68 -2.49 6.26 2.42
C LYS B 68 -2.55 7.55 3.24
N GLU B 69 -3.74 8.12 3.34
CA GLU B 69 -3.97 9.35 4.10
C GLU B 69 -3.55 9.21 5.56
N MET B 70 -3.97 8.12 6.19
CA MET B 70 -3.64 7.87 7.59
C MET B 70 -2.14 7.71 7.82
N LYS B 71 -1.44 7.09 6.85
CA LYS B 71 0.00 6.90 6.96
C LYS B 71 0.72 8.24 6.89
N THR B 72 0.31 9.08 5.94
CA THR B 72 0.86 10.42 5.79
C THR B 72 0.65 11.25 7.05
N TRP B 73 -0.59 11.34 7.52
CA TRP B 73 -0.92 12.10 8.72
C TRP B 73 -0.16 11.60 9.94
N TYR B 74 -0.03 10.28 10.05
CA TYR B 74 0.59 9.71 11.23
C TYR B 74 2.03 10.18 11.37
N GLN B 75 2.77 10.20 10.27
CA GLN B 75 4.17 10.61 10.29
C GLN B 75 4.29 12.12 10.50
N GLN B 76 3.37 12.87 9.92
CA GLN B 76 3.36 14.32 10.11
C GLN B 76 3.13 14.67 11.58
N TRP B 77 2.19 13.96 12.21
CA TRP B 77 1.77 14.29 13.57
C TRP B 77 2.71 13.73 14.64
N PHE B 78 3.24 12.53 14.40
CA PHE B 78 3.94 11.78 15.43
C PHE B 78 5.42 11.52 15.13
N LYS B 79 5.91 12.01 14.00
CA LYS B 79 7.34 12.03 13.70
C LYS B 79 7.96 10.67 13.42
N ARG B 80 7.14 9.65 13.26
CA ARG B 80 7.61 8.31 12.94
C ARG B 80 6.55 7.59 12.11
N PRO B 81 6.93 6.52 11.40
CA PRO B 81 5.94 5.81 10.57
C PRO B 81 4.95 5.00 11.41
N VAL B 82 3.84 4.60 10.79
CA VAL B 82 2.88 3.73 11.46
C VAL B 82 3.54 2.39 11.76
N PRO B 83 3.55 1.99 13.04
CA PRO B 83 4.12 0.70 13.43
C PRO B 83 3.26 -0.48 12.97
N ALA B 84 3.92 -1.49 12.39
CA ALA B 84 3.24 -2.70 11.95
C ALA B 84 2.99 -3.66 13.13
N ASP B 103 -9.65 -15.52 9.86
CA ASP B 103 -9.18 -16.65 9.07
C ASP B 103 -9.51 -16.48 7.59
N LEU B 104 -8.48 -16.53 6.76
CA LEU B 104 -8.67 -16.46 5.31
C LEU B 104 -9.12 -17.82 4.79
N ASP B 105 -8.75 -18.87 5.53
CA ASP B 105 -9.04 -20.25 5.11
C ASP B 105 -10.53 -20.52 4.96
N ALA B 106 -11.35 -19.81 5.74
CA ALA B 106 -12.80 -19.97 5.66
C ALA B 106 -13.34 -19.42 4.35
N LEU B 107 -12.80 -18.28 3.92
CA LEU B 107 -13.27 -17.62 2.71
C LEU B 107 -12.69 -18.30 1.48
N ALA B 108 -11.39 -18.60 1.54
CA ALA B 108 -10.68 -19.21 0.42
C ALA B 108 -11.26 -20.57 0.01
N THR B 109 -11.55 -21.40 1.01
CA THR B 109 -12.05 -22.74 0.75
C THR B 109 -13.51 -22.74 0.29
N ALA B 110 -14.38 -22.22 1.15
CA ALA B 110 -15.83 -22.23 0.98
C ALA B 110 -16.34 -22.25 -0.47
N GLN B 111 -17.24 -23.18 -0.76
CA GLN B 111 -17.74 -23.40 -2.11
C GLN B 111 -18.80 -22.36 -2.49
N ASN B 112 -19.20 -21.55 -1.51
CA ASN B 112 -20.08 -20.42 -1.78
C ASN B 112 -19.41 -19.12 -1.34
N PHE B 113 -18.57 -18.57 -2.20
CA PHE B 113 -17.79 -17.38 -1.85
C PHE B 113 -18.66 -16.18 -1.49
N ASP B 114 -19.63 -15.87 -2.35
CA ASP B 114 -20.48 -14.70 -2.16
C ASP B 114 -21.19 -14.65 -0.80
N ARG B 115 -21.78 -15.77 -0.40
CA ARG B 115 -22.47 -15.86 0.88
C ARG B 115 -21.49 -15.68 2.04
N GLU B 116 -20.33 -16.31 1.89
CA GLU B 116 -19.30 -16.26 2.91
C GLU B 116 -18.65 -14.88 2.98
N PHE B 117 -18.49 -14.25 1.83
CA PHE B 117 -17.95 -12.89 1.75
C PHE B 117 -18.79 -11.93 2.60
N ILE B 118 -20.06 -11.81 2.24
CA ILE B 118 -21.01 -10.96 2.95
C ILE B 118 -21.08 -11.30 4.44
N ARG B 119 -21.10 -12.60 4.74
CA ARG B 119 -21.15 -13.09 6.11
C ARG B 119 -20.03 -12.51 6.96
N GLN B 120 -18.85 -12.37 6.37
CA GLN B 120 -17.69 -11.86 7.08
C GLN B 120 -17.50 -10.34 6.99
N MET B 121 -17.90 -9.76 5.86
CA MET B 121 -17.67 -8.33 5.58
C MET B 121 -18.63 -7.40 6.34
N ILE B 122 -19.83 -7.89 6.65
CA ILE B 122 -20.78 -7.09 7.42
C ILE B 122 -20.26 -6.80 8.83
N PRO B 123 -19.92 -7.85 9.61
CA PRO B 123 -19.39 -7.50 10.94
C PRO B 123 -18.02 -6.81 10.86
N HIS B 124 -17.29 -7.00 9.77
CA HIS B 124 -16.02 -6.31 9.59
C HIS B 124 -16.27 -4.81 9.46
N HIS B 125 -17.19 -4.45 8.57
CA HIS B 125 -17.56 -3.06 8.33
C HIS B 125 -18.17 -2.41 9.57
N GLN B 126 -18.92 -3.19 10.34
CA GLN B 126 -19.56 -2.68 11.55
C GLN B 126 -18.54 -2.28 12.60
N MET B 127 -17.48 -3.09 12.73
CA MET B 127 -16.38 -2.77 13.62
C MET B 127 -15.75 -1.43 13.23
N ALA B 128 -15.52 -1.23 11.93
CA ALA B 128 -14.96 0.03 11.44
C ALA B 128 -15.84 1.24 11.74
N VAL B 129 -17.15 1.11 11.57
CA VAL B 129 -18.08 2.19 11.86
C VAL B 129 -18.05 2.49 13.35
N MET B 130 -18.00 1.44 14.15
CA MET B 130 -17.91 1.56 15.61
C MET B 130 -16.67 2.34 16.04
N MET B 131 -15.51 1.94 15.51
CA MET B 131 -14.25 2.59 15.85
C MET B 131 -14.25 4.03 15.37
N ALA B 132 -14.81 4.27 14.19
CA ALA B 132 -14.84 5.60 13.61
C ALA B 132 -15.71 6.54 14.42
N SER B 133 -16.85 6.03 14.88
N SER B 133 -16.87 6.04 14.88
CA SER B 133 -17.81 6.83 15.65
CA SER B 133 -17.78 6.87 15.63
C SER B 133 -17.22 7.24 16.99
C SER B 133 -17.20 7.26 17.00
N ASN B 134 -16.49 6.35 17.63
CA ASN B 134 -15.88 6.64 18.91
C ASN B 134 -14.77 7.67 18.81
N LEU B 135 -13.91 7.56 17.79
CA LEU B 135 -12.84 8.52 17.61
C LEU B 135 -13.41 9.91 17.38
N LYS B 136 -14.50 9.95 16.63
CA LYS B 136 -15.17 11.19 16.27
C LYS B 136 -15.60 12.02 17.50
N THR B 137 -15.91 11.34 18.60
CA THR B 137 -16.32 12.04 19.82
C THR B 137 -15.13 12.47 20.69
N ASN B 138 -13.93 12.09 20.27
CA ASN B 138 -12.71 12.42 21.01
C ASN B 138 -11.78 13.36 20.26
N THR B 139 -11.59 13.09 18.97
CA THR B 139 -10.59 13.81 18.18
C THR B 139 -10.88 15.30 18.04
N GLU B 140 -9.81 16.08 17.92
CA GLU B 140 -9.93 17.51 17.70
C GLU B 140 -9.44 17.89 16.30
N ARG B 141 -8.82 16.93 15.61
CA ARG B 141 -8.30 17.17 14.27
C ARG B 141 -9.38 17.11 13.20
N PRO B 142 -9.51 18.19 12.41
CA PRO B 142 -10.50 18.27 11.33
C PRO B 142 -10.32 17.18 10.29
N GLU B 143 -9.08 16.78 10.02
CA GLU B 143 -8.86 15.76 9.00
C GLU B 143 -9.31 14.37 9.47
N MET B 144 -9.17 14.09 10.76
CA MET B 144 -9.69 12.84 11.29
C MET B 144 -11.21 12.92 11.34
N ASP B 145 -11.73 14.10 11.66
CA ASP B 145 -13.17 14.28 11.76
C ASP B 145 -13.84 14.04 10.41
N LYS B 146 -13.23 14.55 9.34
CA LYS B 146 -13.74 14.36 8.00
C LYS B 146 -13.54 12.91 7.52
N LEU B 147 -12.48 12.26 7.99
CA LEU B 147 -12.25 10.87 7.62
C LEU B 147 -13.26 9.93 8.29
N MET B 148 -13.57 10.20 9.56
CA MET B 148 -14.56 9.39 10.28
C MET B 148 -15.92 9.49 9.63
N ASP B 149 -16.32 10.69 9.22
CA ASP B 149 -17.57 10.88 8.49
C ASP B 149 -17.63 10.05 7.20
N ASP B 150 -16.53 10.08 6.43
CA ASP B 150 -16.39 9.27 5.23
C ASP B 150 -16.58 7.78 5.51
N ILE B 151 -15.76 7.25 6.42
CA ILE B 151 -15.86 5.85 6.87
C ILE B 151 -17.27 5.47 7.32
N ILE B 152 -17.82 6.27 8.24
CA ILE B 152 -19.15 6.03 8.77
C ILE B 152 -20.20 6.00 7.66
N ARG B 153 -20.19 7.00 6.81
CA ARG B 153 -21.14 7.08 5.70
C ARG B 153 -20.96 5.93 4.70
N SER B 154 -19.74 5.79 4.18
CA SER B 154 -19.46 4.84 3.09
C SER B 154 -19.70 3.38 3.48
N GLN B 155 -19.22 2.99 4.65
CA GLN B 155 -19.31 1.60 5.06
C GLN B 155 -20.66 1.24 5.68
N SER B 156 -21.38 2.23 6.21
CA SER B 156 -22.76 2.00 6.65
C SER B 156 -23.65 1.68 5.46
N ALA B 157 -23.40 2.38 4.36
CA ALA B 157 -24.17 2.19 3.12
C ALA B 157 -23.87 0.85 2.46
N GLU B 158 -22.64 0.37 2.61
CA GLU B 158 -22.24 -0.93 2.08
C GLU B 158 -22.83 -2.07 2.89
N ILE B 159 -22.96 -1.85 4.20
CA ILE B 159 -23.60 -2.81 5.08
C ILE B 159 -25.06 -3.03 4.67
N LYS B 160 -25.78 -1.92 4.46
CA LYS B 160 -27.16 -1.98 4.02
C LYS B 160 -27.26 -2.72 2.69
N GLN B 161 -26.34 -2.42 1.78
CA GLN B 161 -26.31 -3.07 0.48
C GLN B 161 -26.15 -4.58 0.62
N MET B 162 -25.16 -5.00 1.40
CA MET B 162 -24.87 -6.42 1.55
C MET B 162 -26.01 -7.15 2.26
N LYS B 163 -26.66 -6.48 3.21
CA LYS B 163 -27.79 -7.08 3.91
C LYS B 163 -28.93 -7.35 2.95
N GLN B 164 -29.20 -6.40 2.07
CA GLN B 164 -30.28 -6.54 1.12
C GLN B 164 -29.95 -7.63 0.08
N TRP B 165 -28.70 -7.68 -0.38
CA TRP B 165 -28.28 -8.69 -1.34
C TRP B 165 -28.40 -10.09 -0.76
N TYR B 166 -28.01 -10.24 0.50
CA TYR B 166 -28.10 -11.51 1.20
C TYR B 166 -29.54 -11.99 1.23
N GLN B 167 -30.47 -11.06 1.44
CA GLN B 167 -31.89 -11.40 1.44
C GLN B 167 -32.35 -11.80 0.03
N ASN B 168 -31.99 -10.99 -0.96
CA ASN B 168 -32.33 -11.30 -2.35
C ASN B 168 -31.79 -12.63 -2.84
N TRP B 169 -30.59 -12.99 -2.37
CA TRP B 169 -29.88 -14.15 -2.89
C TRP B 169 -30.16 -15.40 -2.07
N TYR B 170 -30.25 -15.25 -0.75
CA TYR B 170 -30.34 -16.42 0.12
C TYR B 170 -31.54 -16.45 1.06
N GLY B 171 -32.34 -15.39 1.05
CA GLY B 171 -33.49 -15.29 1.94
C GLY B 171 -34.68 -16.12 1.51
AG AG C . 12.57 -2.12 -6.32
AG AG D . 16.39 1.86 -4.60
AG AG E . 25.54 19.81 1.80
AG AG F . 17.55 -8.78 -6.99
AG AG G . 17.04 -0.45 3.09
AG AG H . 15.08 6.09 10.07
AG AG I . -10.97 -0.84 8.54
AG AG J . -15.05 -4.26 6.37
AG AG K . -28.42 -14.15 -7.19
AG AG L . -11.69 -2.66 16.66
AG AG M . -11.30 -10.90 7.07
AG AG N . -17.90 -0.57 21.26
#